data_6HYJ
#
_entry.id   6HYJ
#
_cell.length_a   48.670
_cell.length_b   128.970
_cell.length_c   155.710
_cell.angle_alpha   90.000
_cell.angle_beta   90.000
_cell.angle_gamma   90.000
#
_symmetry.space_group_name_H-M   'C 2 2 21'
#
loop_
_entity.id
_entity.type
_entity.pdbx_description
1 polymer 'Phosphoserine phosphatase'
2 non-polymer PHOSPHOSERINE
3 non-polymer 'CALCIUM ION'
4 non-polymer SERINE
5 water water
#
_entity_poly.entity_id   1
_entity_poly.type   'polypeptide(L)'
_entity_poly.pdbx_seq_one_letter_code
;MISHSELRKLFYSADAVCFDVDSTVIREEGIDELAKICGVEDAVSEMTRRAMGGAVPFKAALTERLALIQPSREQVQRLI
AEQPPHLTPGIRELVSRLQERNVQVFLISGGFRSIVEHVASKLNIPATNVFANRLKFYFNGEYAGFDETQPTAESGGKGK
VIKLLKEKFHFKKIIMIGDGATDMEACPPADAFIGFGGNVIRQQVKDNAKWYITDFVELLGELE
;
_entity_poly.pdbx_strand_id   A,B
#
loop_
_chem_comp.id
_chem_comp.type
_chem_comp.name
_chem_comp.formula
CA non-polymer 'CALCIUM ION' 'Ca 2'
#
# COMPACT_ATOMS: atom_id res chain seq x y z
N HIS A 4 -9.91 -18.22 21.20
CA HIS A 4 -10.74 -18.13 22.41
C HIS A 4 -12.08 -18.86 22.26
N SER A 5 -13.14 -18.31 22.85
CA SER A 5 -14.40 -19.04 22.94
C SER A 5 -15.15 -19.05 21.61
N GLU A 6 -15.58 -17.88 21.16
CA GLU A 6 -16.25 -17.81 19.87
C GLU A 6 -15.35 -18.29 18.73
N LEU A 7 -14.05 -18.03 18.84
CA LEU A 7 -13.09 -18.57 17.89
C LEU A 7 -13.07 -20.09 17.90
N ARG A 8 -13.10 -20.69 19.10
CA ARG A 8 -13.14 -22.14 19.18
C ARG A 8 -14.40 -22.70 18.54
N LYS A 9 -15.54 -22.05 18.75
CA LYS A 9 -16.77 -22.55 18.16
C LYS A 9 -16.68 -22.50 16.64
N LEU A 10 -16.20 -21.38 16.10
CA LEU A 10 -15.97 -21.30 14.67
C LEU A 10 -15.00 -22.40 14.22
N PHE A 11 -13.88 -22.51 14.91
CA PHE A 11 -12.88 -23.50 14.53
C PHE A 11 -13.46 -24.91 14.53
N TYR A 12 -14.24 -25.24 15.55
CA TYR A 12 -14.78 -26.59 15.69
C TYR A 12 -15.84 -26.90 14.64
N SER A 13 -16.45 -25.89 14.04
CA SER A 13 -17.48 -26.14 13.04
C SER A 13 -16.90 -26.49 11.68
N ALA A 14 -15.60 -26.31 11.48
CA ALA A 14 -14.99 -26.54 10.18
C ALA A 14 -14.97 -28.03 9.83
N ASP A 15 -15.27 -28.37 8.57
CA ASP A 15 -14.95 -29.71 8.11
C ASP A 15 -13.76 -29.75 7.18
N ALA A 16 -13.22 -28.59 6.80
CA ALA A 16 -11.96 -28.53 6.07
C ALA A 16 -11.23 -27.28 6.53
N VAL A 17 -9.91 -27.40 6.70
CA VAL A 17 -9.07 -26.26 7.04
C VAL A 17 -7.97 -26.24 6.01
N CYS A 18 -7.80 -25.10 5.36
CA CYS A 18 -6.71 -24.89 4.43
C CYS A 18 -5.70 -23.96 5.05
N PHE A 19 -4.43 -24.36 5.03
CA PHE A 19 -3.35 -23.56 5.58
C PHE A 19 -2.51 -23.01 4.45
N ASP A 20 -2.27 -21.72 4.50
CA ASP A 20 -1.16 -21.16 3.77
C ASP A 20 0.14 -21.75 4.32
N VAL A 21 1.14 -21.93 3.44
CA VAL A 21 2.38 -22.55 3.89
C VAL A 21 3.37 -21.50 4.38
N ASP A 22 3.88 -20.66 3.46
CA ASP A 22 4.96 -19.72 3.79
C ASP A 22 4.52 -18.77 4.89
N SER A 23 5.25 -18.74 6.00
CA SER A 23 5.06 -17.85 7.13
C SER A 23 3.87 -18.24 7.99
N THR A 24 3.16 -19.32 7.67
CA THR A 24 2.04 -19.81 8.46
C THR A 24 2.39 -21.20 8.98
N VAL A 25 2.34 -22.23 8.13
CA VAL A 25 2.74 -23.57 8.54
C VAL A 25 4.25 -23.63 8.80
N ILE A 26 5.06 -22.92 8.02
CA ILE A 26 6.51 -22.86 8.25
C ILE A 26 6.91 -21.42 8.56
N ARG A 27 8.09 -21.25 9.17
CA ARG A 27 8.55 -19.91 9.55
C ARG A 27 9.06 -19.15 8.35
N GLU A 28 9.53 -19.85 7.34
CA GLU A 28 10.23 -19.26 6.21
C GLU A 28 9.29 -19.11 5.02
N GLU A 29 9.83 -18.54 3.95
CA GLU A 29 9.20 -18.52 2.64
C GLU A 29 9.98 -19.49 1.77
N GLY A 30 9.34 -20.58 1.37
CA GLY A 30 10.00 -21.56 0.53
C GLY A 30 10.87 -20.97 -0.55
N ILE A 31 10.33 -20.04 -1.35
CA ILE A 31 11.10 -19.52 -2.48
C ILE A 31 12.32 -18.73 -2.00
N ASP A 32 12.18 -17.96 -0.90
CA ASP A 32 13.36 -17.25 -0.38
C ASP A 32 14.44 -18.21 0.11
N GLU A 33 14.04 -19.33 0.72
CA GLU A 33 15.02 -20.33 1.15
C GLU A 33 15.68 -21.00 -0.03
N LEU A 34 14.91 -21.26 -1.08
CA LEU A 34 15.54 -21.78 -2.29
C LEU A 34 16.48 -20.75 -2.89
N ALA A 35 16.12 -19.47 -2.77
CA ALA A 35 17.01 -18.42 -3.27
C ALA A 35 18.32 -18.40 -2.48
N LYS A 36 18.25 -18.63 -1.17
CA LYS A 36 19.48 -18.70 -0.36
C LYS A 36 20.35 -19.86 -0.81
N ILE A 37 19.77 -21.07 -0.83
CA ILE A 37 20.49 -22.26 -1.29
C ILE A 37 21.11 -22.05 -2.66
N CYS A 38 20.54 -21.17 -3.48
CA CYS A 38 21.01 -20.93 -4.83
C CYS A 38 21.85 -19.66 -4.98
N GLY A 39 22.05 -18.90 -3.90
CA GLY A 39 22.96 -17.76 -3.90
C GLY A 39 22.40 -16.44 -4.37
N VAL A 40 21.08 -16.28 -4.45
CA VAL A 40 20.52 -15.04 -4.99
C VAL A 40 19.48 -14.46 -4.04
N GLU A 41 19.69 -14.69 -2.75
CA GLU A 41 18.65 -14.44 -1.75
C GLU A 41 18.21 -12.97 -1.75
N ASP A 42 19.17 -12.05 -1.80
CA ASP A 42 18.84 -10.63 -1.63
C ASP A 42 17.86 -10.16 -2.70
N ALA A 43 18.19 -10.38 -3.97
CA ALA A 43 17.29 -9.96 -5.05
C ALA A 43 15.92 -10.63 -4.91
N VAL A 44 15.90 -11.95 -4.72
CA VAL A 44 14.63 -12.69 -4.71
C VAL A 44 13.77 -12.25 -3.54
N SER A 45 14.36 -12.12 -2.35
CA SER A 45 13.58 -11.77 -1.16
C SER A 45 12.96 -10.39 -1.27
N GLU A 46 13.56 -9.48 -2.04
CA GLU A 46 12.90 -8.19 -2.30
C GLU A 46 11.70 -8.38 -3.22
N MET A 47 11.90 -9.11 -4.31
CA MET A 47 10.78 -9.40 -5.22
C MET A 47 9.64 -10.13 -4.49
N THR A 48 9.99 -11.04 -3.58
CA THR A 48 8.93 -11.70 -2.81
C THR A 48 8.15 -10.69 -1.98
N ARG A 49 8.85 -9.71 -1.38
CA ARG A 49 8.16 -8.62 -0.69
C ARG A 49 7.29 -7.83 -1.66
N ARG A 50 7.84 -7.47 -2.82
CA ARG A 50 7.06 -6.74 -3.82
C ARG A 50 5.75 -7.45 -4.12
N ALA A 51 5.78 -8.78 -4.13
CA ALA A 51 4.61 -9.55 -4.54
C ALA A 51 3.64 -9.86 -3.40
N MET A 52 4.09 -9.77 -2.15
N MET A 52 4.08 -9.76 -2.14
CA MET A 52 3.21 -10.08 -1.02
CA MET A 52 3.23 -10.13 -1.02
C MET A 52 1.91 -9.31 -1.14
C MET A 52 1.95 -9.28 -1.01
N GLY A 53 0.83 -9.92 -0.66
CA GLY A 53 -0.49 -9.33 -0.79
C GLY A 53 -0.98 -9.43 -2.23
N GLY A 54 -2.11 -8.74 -2.50
CA GLY A 54 -2.66 -8.69 -3.84
C GLY A 54 -1.97 -7.65 -4.70
N ALA A 55 -0.63 -7.59 -4.62
CA ALA A 55 0.13 -6.44 -5.09
C ALA A 55 0.55 -6.53 -6.56
N VAL A 56 0.74 -7.72 -7.12
CA VAL A 56 1.23 -7.80 -8.50
C VAL A 56 0.75 -9.06 -9.20
N PRO A 57 0.90 -9.16 -10.53
CA PRO A 57 0.46 -10.36 -11.25
C PRO A 57 1.32 -11.55 -10.86
N PHE A 58 0.75 -12.48 -10.10
CA PHE A 58 1.58 -13.49 -9.45
C PHE A 58 2.44 -14.24 -10.46
N LYS A 59 1.86 -14.66 -11.58
CA LYS A 59 2.58 -15.50 -12.53
C LYS A 59 3.86 -14.83 -13.02
N ALA A 60 3.82 -13.51 -13.23
CA ALA A 60 5.01 -12.80 -13.67
C ALA A 60 6.03 -12.68 -12.56
N ALA A 61 5.59 -12.32 -11.35
CA ALA A 61 6.50 -12.25 -10.21
C ALA A 61 7.19 -13.59 -9.94
N LEU A 62 6.46 -14.69 -10.15
CA LEU A 62 7.04 -16.01 -9.98
C LEU A 62 8.08 -16.30 -11.05
N THR A 63 7.74 -16.00 -12.32
CA THR A 63 8.71 -16.17 -13.41
C THR A 63 9.97 -15.35 -13.17
N GLU A 64 9.80 -14.06 -12.84
CA GLU A 64 10.95 -13.18 -12.60
C GLU A 64 11.86 -13.78 -11.56
N ARG A 65 11.28 -14.26 -10.45
CA ARG A 65 12.08 -14.77 -9.35
C ARG A 65 12.74 -16.08 -9.71
N LEU A 66 11.99 -16.97 -10.38
CA LEU A 66 12.55 -18.24 -10.80
C LEU A 66 13.64 -18.05 -11.83
N ALA A 67 13.56 -16.97 -12.62
CA ALA A 67 14.59 -16.71 -13.60
C ALA A 67 15.89 -16.27 -12.91
N LEU A 68 15.80 -15.54 -11.81
CA LEU A 68 16.99 -15.24 -11.02
C LEU A 68 17.55 -16.50 -10.36
N ILE A 69 16.67 -17.39 -9.89
CA ILE A 69 17.11 -18.52 -9.09
C ILE A 69 17.62 -19.66 -9.97
N GLN A 70 16.87 -20.00 -11.02
CA GLN A 70 17.16 -21.15 -11.87
C GLN A 70 17.46 -22.40 -11.04
N PRO A 71 16.56 -22.81 -10.16
CA PRO A 71 16.87 -23.92 -9.24
C PRO A 71 17.05 -25.22 -10.02
N SER A 72 18.10 -25.96 -9.69
CA SER A 72 18.23 -27.28 -10.26
C SER A 72 17.53 -28.30 -9.36
N ARG A 73 17.21 -29.46 -9.95
CA ARG A 73 16.61 -30.51 -9.15
C ARG A 73 17.48 -30.84 -7.93
N GLU A 74 18.79 -30.91 -8.13
CA GLU A 74 19.65 -31.27 -7.00
C GLU A 74 19.65 -30.16 -5.95
N GLN A 75 19.49 -28.90 -6.36
CA GLN A 75 19.44 -27.80 -5.40
C GLN A 75 18.17 -27.87 -4.55
N VAL A 76 17.02 -28.07 -5.19
CA VAL A 76 15.80 -28.31 -4.43
C VAL A 76 15.99 -29.49 -3.51
N GLN A 77 16.50 -30.59 -4.06
CA GLN A 77 16.80 -31.78 -3.27
C GLN A 77 17.69 -31.45 -2.08
N ARG A 78 18.71 -30.61 -2.30
CA ARG A 78 19.59 -30.23 -1.20
C ARG A 78 18.87 -29.37 -0.17
N LEU A 79 18.00 -28.46 -0.64
CA LEU A 79 17.24 -27.63 0.29
C LEU A 79 16.44 -28.49 1.24
N ILE A 80 15.73 -29.48 0.70
CA ILE A 80 14.88 -30.35 1.51
C ILE A 80 15.72 -31.15 2.50
N ALA A 81 16.87 -31.65 2.05
CA ALA A 81 17.68 -32.54 2.87
C ALA A 81 18.50 -31.79 3.91
N GLU A 82 19.08 -30.65 3.52
CA GLU A 82 20.04 -29.96 4.35
C GLU A 82 19.50 -28.71 5.01
N GLN A 83 18.51 -28.05 4.39
CA GLN A 83 17.97 -26.78 4.89
C GLN A 83 16.44 -26.83 4.93
N PRO A 84 15.85 -27.90 5.45
CA PRO A 84 14.40 -28.01 5.42
C PRO A 84 13.77 -26.89 6.20
N PRO A 85 12.61 -26.39 5.77
CA PRO A 85 11.93 -25.32 6.50
C PRO A 85 11.52 -25.75 7.90
N HIS A 86 11.35 -24.77 8.78
CA HIS A 86 10.99 -25.02 10.17
C HIS A 86 9.49 -24.91 10.31
N LEU A 87 8.87 -25.96 10.82
CA LEU A 87 7.46 -25.87 11.15
C LEU A 87 7.29 -24.84 12.26
N THR A 88 6.27 -24.02 12.10
CA THR A 88 5.88 -23.06 13.12
C THR A 88 5.48 -23.78 14.40
N PRO A 89 5.94 -23.34 15.57
CA PRO A 89 5.53 -24.02 16.80
C PRO A 89 4.01 -24.19 16.87
N GLY A 90 3.58 -25.38 17.30
CA GLY A 90 2.18 -25.67 17.45
C GLY A 90 1.48 -26.22 16.23
N ILE A 91 2.06 -26.10 15.03
CA ILE A 91 1.30 -26.55 13.87
C ILE A 91 1.20 -28.07 13.85
N ARG A 92 2.27 -28.77 14.25
CA ARG A 92 2.18 -30.23 14.35
C ARG A 92 0.99 -30.64 15.19
N GLU A 93 0.90 -30.05 16.38
CA GLU A 93 -0.16 -30.46 17.29
C GLU A 93 -1.52 -30.05 16.76
N LEU A 94 -1.65 -28.82 16.25
CA LEU A 94 -2.93 -28.38 15.69
C LEU A 94 -3.39 -29.34 14.59
N VAL A 95 -2.52 -29.64 13.62
CA VAL A 95 -2.95 -30.52 12.54
C VAL A 95 -3.33 -31.89 13.09
N SER A 96 -2.60 -32.36 14.11
CA SER A 96 -2.94 -33.62 14.74
C SER A 96 -4.35 -33.57 15.35
N ARG A 97 -4.65 -32.52 16.11
CA ARG A 97 -6.00 -32.39 16.67
C ARG A 97 -7.06 -32.32 15.59
N LEU A 98 -6.76 -31.62 14.50
CA LEU A 98 -7.73 -31.51 13.40
C LEU A 98 -8.00 -32.87 12.78
N GLN A 99 -6.93 -33.60 12.47
CA GLN A 99 -7.07 -34.91 11.85
C GLN A 99 -7.75 -35.90 12.78
N GLU A 100 -7.43 -35.83 14.08
CA GLU A 100 -8.11 -36.69 15.04
C GLU A 100 -9.61 -36.42 15.09
N ARG A 101 -10.04 -35.22 14.71
CA ARG A 101 -11.45 -34.91 14.59
C ARG A 101 -11.97 -35.11 13.16
N ASN A 102 -11.19 -35.75 12.30
CA ASN A 102 -11.54 -36.01 10.91
C ASN A 102 -11.82 -34.73 10.09
N VAL A 103 -11.32 -33.59 10.54
CA VAL A 103 -11.28 -32.40 9.70
C VAL A 103 -10.25 -32.60 8.59
N GLN A 104 -10.66 -32.38 7.34
CA GLN A 104 -9.72 -32.48 6.22
C GLN A 104 -8.79 -31.26 6.21
N VAL A 105 -7.48 -31.51 6.22
CA VAL A 105 -6.50 -30.44 6.22
C VAL A 105 -5.81 -30.39 4.87
N PHE A 106 -5.70 -29.17 4.33
CA PHE A 106 -5.03 -28.89 3.07
C PHE A 106 -3.93 -27.86 3.29
N LEU A 107 -2.90 -27.95 2.46
CA LEU A 107 -1.88 -26.92 2.38
C LEU A 107 -1.97 -26.31 0.99
N ILE A 108 -2.02 -25.00 0.93
CA ILE A 108 -2.11 -24.27 -0.32
C ILE A 108 -0.96 -23.30 -0.32
N SER A 109 -0.21 -23.26 -1.41
CA SER A 109 0.98 -22.42 -1.40
C SER A 109 1.26 -21.93 -2.81
N GLY A 110 1.71 -20.67 -2.92
CA GLY A 110 2.35 -20.21 -4.11
C GLY A 110 3.77 -20.72 -4.28
N GLY A 111 4.30 -21.42 -3.27
CA GLY A 111 5.56 -22.12 -3.36
C GLY A 111 5.45 -23.41 -4.15
N PHE A 112 6.35 -24.35 -3.88
CA PHE A 112 6.60 -25.45 -4.80
C PHE A 112 6.28 -26.80 -4.18
N ARG A 113 5.60 -27.63 -4.95
CA ARG A 113 5.14 -28.93 -4.48
C ARG A 113 6.26 -29.73 -3.83
N SER A 114 7.45 -29.76 -4.44
CA SER A 114 8.53 -30.57 -3.86
C SER A 114 8.75 -30.19 -2.39
N ILE A 115 8.81 -28.89 -2.10
CA ILE A 115 9.03 -28.46 -0.72
C ILE A 115 7.76 -28.62 0.10
N VAL A 116 6.59 -28.27 -0.47
CA VAL A 116 5.37 -28.34 0.32
C VAL A 116 4.99 -29.79 0.63
N GLU A 117 5.27 -30.72 -0.30
CA GLU A 117 5.00 -32.13 0.00
C GLU A 117 5.89 -32.65 1.12
N HIS A 118 7.11 -32.12 1.21
CA HIS A 118 7.96 -32.45 2.35
C HIS A 118 7.32 -31.98 3.65
N VAL A 119 6.80 -30.76 3.67
CA VAL A 119 6.14 -30.24 4.86
C VAL A 119 4.88 -31.05 5.18
N ALA A 120 4.09 -31.37 4.15
CA ALA A 120 2.88 -32.15 4.39
C ALA A 120 3.21 -33.53 4.99
N SER A 121 4.28 -34.16 4.49
CA SER A 121 4.67 -35.46 5.02
C SER A 121 4.96 -35.39 6.51
N LYS A 122 5.66 -34.34 6.94
CA LYS A 122 5.91 -34.11 8.34
C LYS A 122 4.64 -33.91 9.14
N LEU A 123 3.54 -33.53 8.48
CA LEU A 123 2.27 -33.27 9.15
C LEU A 123 1.26 -34.36 8.90
N ASN A 124 1.63 -35.44 8.21
CA ASN A 124 0.71 -36.51 7.83
C ASN A 124 -0.44 -35.99 7.00
N ILE A 125 -0.18 -34.98 6.19
CA ILE A 125 -1.15 -34.50 5.20
C ILE A 125 -0.83 -35.19 3.89
N PRO A 126 -1.76 -35.93 3.29
CA PRO A 126 -1.46 -36.62 2.03
C PRO A 126 -1.15 -35.65 0.91
N ALA A 127 -0.33 -36.09 -0.04
CA ALA A 127 0.06 -35.23 -1.14
C ALA A 127 -1.16 -34.77 -1.92
N THR A 128 -2.22 -35.58 -1.94
CA THR A 128 -3.47 -35.22 -2.59
C THR A 128 -4.08 -33.96 -2.00
N ASN A 129 -3.70 -33.59 -0.79
CA ASN A 129 -4.23 -32.43 -0.10
C ASN A 129 -3.27 -31.24 -0.17
N VAL A 130 -2.25 -31.33 -1.03
CA VAL A 130 -1.30 -30.24 -1.24
C VAL A 130 -1.60 -29.57 -2.58
N PHE A 131 -1.81 -28.26 -2.58
CA PHE A 131 -1.89 -27.50 -3.81
C PHE A 131 -0.78 -26.47 -3.84
N ALA A 132 0.07 -26.55 -4.86
CA ALA A 132 1.25 -25.72 -4.91
C ALA A 132 1.75 -25.71 -6.34
N ASN A 133 2.69 -24.82 -6.62
CA ASN A 133 3.27 -24.79 -7.96
C ASN A 133 4.26 -25.94 -8.14
N ARG A 134 4.45 -26.34 -9.39
CA ARG A 134 5.33 -27.45 -9.72
C ARG A 134 6.47 -26.94 -10.58
N LEU A 135 7.69 -27.05 -10.06
CA LEU A 135 8.89 -26.77 -10.84
C LEU A 135 9.10 -27.83 -11.92
N LYS A 136 9.56 -27.38 -13.08
CA LYS A 136 10.01 -28.29 -14.14
C LYS A 136 11.53 -28.28 -14.22
N PHE A 137 12.07 -29.40 -14.67
CA PHE A 137 13.50 -29.63 -14.76
C PHE A 137 13.76 -30.38 -16.05
N TYR A 138 14.94 -30.15 -16.64
CA TYR A 138 15.33 -30.91 -17.81
C TYR A 138 15.99 -32.22 -17.39
N PHE A 139 16.23 -33.07 -18.37
CA PHE A 139 16.69 -34.42 -18.06
C PHE A 139 17.90 -34.41 -17.13
N ASN A 140 18.77 -33.41 -17.30
CA ASN A 140 19.99 -33.29 -16.52
C ASN A 140 19.78 -32.53 -15.23
N GLY A 141 18.54 -32.15 -14.90
CA GLY A 141 18.26 -31.49 -13.65
C GLY A 141 18.12 -29.98 -13.73
N GLU A 142 18.48 -29.37 -14.86
CA GLU A 142 18.45 -27.92 -14.96
C GLU A 142 17.02 -27.40 -14.87
N TYR A 143 16.89 -26.20 -14.30
CA TYR A 143 15.60 -25.55 -14.21
C TYR A 143 14.96 -25.47 -15.58
N ALA A 144 13.69 -25.88 -15.67
CA ALA A 144 12.97 -25.87 -16.93
C ALA A 144 11.67 -25.07 -16.91
N GLY A 145 11.39 -24.34 -15.83
CA GLY A 145 10.17 -23.55 -15.79
C GLY A 145 9.24 -24.05 -14.71
N PHE A 146 7.94 -23.76 -14.83
CA PHE A 146 6.99 -24.31 -13.86
C PHE A 146 5.64 -24.47 -14.54
N ASP A 147 4.77 -25.27 -13.92
CA ASP A 147 3.49 -25.64 -14.51
C ASP A 147 2.53 -24.46 -14.39
N GLU A 148 2.37 -23.72 -15.48
CA GLU A 148 1.57 -22.51 -15.45
C GLU A 148 0.07 -22.79 -15.47
N THR A 149 -0.33 -24.06 -15.55
CA THR A 149 -1.73 -24.43 -15.45
C THR A 149 -2.21 -24.57 -14.00
N GLN A 150 -1.31 -24.53 -13.04
CA GLN A 150 -1.69 -24.70 -11.63
C GLN A 150 -2.51 -23.50 -11.16
N PRO A 151 -3.62 -23.72 -10.44
CA PRO A 151 -4.32 -22.58 -9.84
C PRO A 151 -3.42 -21.69 -9.00
N THR A 152 -2.46 -22.26 -8.27
CA THR A 152 -1.54 -21.47 -7.45
C THR A 152 -0.50 -20.71 -8.27
N ALA A 153 -0.48 -20.89 -9.59
CA ALA A 153 0.41 -20.09 -10.42
C ALA A 153 -0.19 -18.74 -10.81
N GLU A 154 -1.48 -18.51 -10.53
CA GLU A 154 -2.16 -17.28 -10.90
C GLU A 154 -2.49 -16.46 -9.66
N SER A 155 -2.74 -15.17 -9.87
CA SER A 155 -3.33 -14.37 -8.81
C SER A 155 -4.69 -14.93 -8.45
N GLY A 156 -5.02 -14.88 -7.17
CA GLY A 156 -6.27 -15.50 -6.74
C GLY A 156 -6.24 -17.01 -6.69
N GLY A 157 -5.07 -17.64 -6.81
CA GLY A 157 -5.01 -19.09 -6.86
C GLY A 157 -5.53 -19.78 -5.62
N LYS A 158 -5.29 -19.21 -4.45
CA LYS A 158 -5.82 -19.82 -3.24
C LYS A 158 -7.34 -19.93 -3.28
N GLY A 159 -8.02 -18.86 -3.68
CA GLY A 159 -9.47 -18.92 -3.79
C GLY A 159 -9.92 -19.91 -4.84
N LYS A 160 -9.17 -20.00 -5.95
CA LYS A 160 -9.49 -20.99 -6.97
C LYS A 160 -9.32 -22.42 -6.44
N VAL A 161 -8.26 -22.67 -5.66
CA VAL A 161 -8.14 -23.99 -5.05
C VAL A 161 -9.35 -24.30 -4.18
N ILE A 162 -9.76 -23.33 -3.36
CA ILE A 162 -10.84 -23.60 -2.42
C ILE A 162 -12.14 -23.89 -3.16
N LYS A 163 -12.39 -23.15 -4.23
CA LYS A 163 -13.53 -23.43 -5.10
C LYS A 163 -13.46 -24.85 -5.64
N LEU A 164 -12.28 -25.27 -6.09
CA LEU A 164 -12.12 -26.64 -6.56
C LEU A 164 -12.48 -27.64 -5.48
N LEU A 165 -12.01 -27.42 -4.25
CA LEU A 165 -12.29 -28.33 -3.16
C LEU A 165 -13.77 -28.40 -2.86
N LYS A 166 -14.43 -27.24 -2.84
CA LYS A 166 -15.87 -27.22 -2.59
C LYS A 166 -16.61 -27.99 -3.67
N GLU A 167 -16.17 -27.85 -4.92
CA GLU A 167 -16.88 -28.53 -6.02
C GLU A 167 -16.63 -30.02 -6.00
N LYS A 168 -15.43 -30.43 -5.60
CA LYS A 168 -15.04 -31.84 -5.54
C LYS A 168 -15.65 -32.53 -4.33
N PHE A 169 -15.58 -31.90 -3.16
CA PHE A 169 -15.92 -32.57 -1.91
C PHE A 169 -17.16 -32.02 -1.23
N HIS A 170 -17.67 -30.87 -1.68
CA HIS A 170 -18.87 -30.25 -1.12
C HIS A 170 -18.71 -29.97 0.37
N PHE A 171 -17.53 -29.52 0.79
CA PHE A 171 -17.36 -29.24 2.21
C PHE A 171 -18.38 -28.20 2.66
N LYS A 172 -18.93 -28.39 3.86
CA LYS A 172 -19.90 -27.46 4.41
C LYS A 172 -19.28 -26.22 5.04
N LYS A 173 -18.02 -26.27 5.48
CA LYS A 173 -17.46 -25.13 6.21
C LYS A 173 -15.94 -25.20 6.07
N ILE A 174 -15.40 -24.47 5.10
CA ILE A 174 -13.95 -24.44 4.85
C ILE A 174 -13.40 -23.16 5.43
N ILE A 175 -12.40 -23.28 6.29
CA ILE A 175 -11.71 -22.15 6.89
C ILE A 175 -10.34 -22.03 6.24
N MET A 176 -9.98 -20.82 5.86
CA MET A 176 -8.67 -20.49 5.33
C MET A 176 -7.85 -19.85 6.45
N ILE A 177 -6.63 -20.32 6.64
CA ILE A 177 -5.76 -19.83 7.71
C ILE A 177 -4.47 -19.40 7.06
N GLY A 178 -4.08 -18.14 7.26
CA GLY A 178 -2.84 -17.70 6.64
C GLY A 178 -2.44 -16.33 7.14
N ASP A 179 -1.24 -15.93 6.76
CA ASP A 179 -0.70 -14.70 7.29
C ASP A 179 -1.01 -13.46 6.46
N GLY A 180 -1.36 -13.61 5.17
CA GLY A 180 -1.30 -12.52 4.22
C GLY A 180 -2.63 -12.11 3.61
N ALA A 181 -2.58 -11.00 2.86
CA ALA A 181 -3.79 -10.50 2.20
C ALA A 181 -4.34 -11.52 1.22
N THR A 182 -3.47 -12.24 0.52
CA THR A 182 -3.96 -13.23 -0.42
C THR A 182 -4.72 -14.34 0.29
N ASP A 183 -4.35 -14.68 1.52
CA ASP A 183 -5.12 -15.65 2.27
C ASP A 183 -6.43 -15.06 2.72
N MET A 184 -6.40 -13.82 3.19
CA MET A 184 -7.64 -13.15 3.55
C MET A 184 -8.55 -13.07 2.32
N GLU A 185 -7.96 -12.89 1.15
CA GLU A 185 -8.77 -12.76 -0.06
C GLU A 185 -9.30 -14.09 -0.57
N ALA A 186 -8.99 -15.20 0.09
CA ALA A 186 -9.57 -16.48 -0.28
C ALA A 186 -10.90 -16.72 0.42
N CYS A 187 -11.35 -15.79 1.25
CA CYS A 187 -12.64 -15.87 1.93
C CYS A 187 -13.44 -14.64 1.52
N PRO A 188 -14.43 -14.77 0.62
CA PRO A 188 -14.82 -16.00 -0.05
C PRO A 188 -13.77 -16.44 -1.05
N PRO A 189 -13.88 -17.65 -1.60
CA PRO A 189 -14.94 -18.65 -1.43
C PRO A 189 -14.83 -19.46 -0.14
N ALA A 190 -13.74 -19.36 0.59
CA ALA A 190 -13.70 -20.00 1.89
C ALA A 190 -14.86 -19.49 2.74
N ASP A 191 -15.28 -20.27 3.72
CA ASP A 191 -16.36 -19.81 4.57
C ASP A 191 -15.89 -18.88 5.67
N ALA A 192 -14.63 -18.95 6.05
CA ALA A 192 -14.15 -18.09 7.13
C ALA A 192 -12.64 -18.01 6.98
N PHE A 193 -12.07 -16.96 7.52
CA PHE A 193 -10.64 -16.75 7.42
C PHE A 193 -10.10 -16.44 8.80
N ILE A 194 -8.99 -17.06 9.15
CA ILE A 194 -8.30 -16.76 10.39
C ILE A 194 -6.90 -16.28 10.02
N GLY A 195 -6.59 -15.03 10.36
CA GLY A 195 -5.27 -14.51 10.11
C GLY A 195 -4.27 -15.08 11.08
N PHE A 196 -3.02 -15.26 10.63
CA PHE A 196 -2.00 -15.82 11.49
C PHE A 196 -0.79 -14.90 11.56
N GLY A 197 -0.43 -14.49 12.77
CA GLY A 197 0.72 -13.61 12.93
C GLY A 197 1.84 -14.16 13.78
N GLY A 198 1.90 -15.48 13.95
CA GLY A 198 2.93 -16.07 14.82
C GLY A 198 4.34 -15.86 14.33
N ASN A 199 4.54 -15.81 13.01
CA ASN A 199 5.86 -15.54 12.46
C ASN A 199 6.10 -14.07 12.14
N VAL A 200 5.20 -13.44 11.41
CA VAL A 200 5.27 -12.01 11.18
C VAL A 200 3.85 -11.50 11.12
N ILE A 201 3.60 -10.39 11.80
CA ILE A 201 2.28 -9.78 11.82
C ILE A 201 2.16 -8.92 10.57
N ARG A 202 1.22 -9.27 9.70
CA ARG A 202 0.88 -8.39 8.58
C ARG A 202 -0.27 -7.51 9.06
N GLN A 203 0.08 -6.28 9.44
CA GLN A 203 -0.86 -5.40 10.14
C GLN A 203 -2.19 -5.27 9.40
N GLN A 204 -2.15 -5.20 8.06
CA GLN A 204 -3.39 -5.00 7.32
C GLN A 204 -4.30 -6.23 7.40
N VAL A 205 -3.73 -7.42 7.57
CA VAL A 205 -4.55 -8.60 7.88
C VAL A 205 -5.10 -8.51 9.30
N LYS A 206 -4.22 -8.23 10.26
CA LYS A 206 -4.66 -8.14 11.64
C LYS A 206 -5.73 -7.08 11.82
N ASP A 207 -5.64 -5.98 11.07
CA ASP A 207 -6.62 -4.92 11.27
C ASP A 207 -7.96 -5.27 10.64
N ASN A 208 -7.96 -6.08 9.59
CA ASN A 208 -9.19 -6.32 8.84
C ASN A 208 -9.82 -7.69 9.04
N ALA A 209 -9.11 -8.65 9.61
CA ALA A 209 -9.66 -9.99 9.78
C ALA A 209 -10.60 -10.01 10.99
N LYS A 210 -11.70 -10.76 10.86
CA LYS A 210 -12.57 -10.98 12.01
C LYS A 210 -11.88 -11.87 13.05
N TRP A 211 -11.02 -12.77 12.60
CA TRP A 211 -10.33 -13.68 13.49
C TRP A 211 -8.83 -13.57 13.24
N TYR A 212 -8.06 -13.40 14.30
CA TYR A 212 -6.62 -13.27 14.13
C TYR A 212 -5.96 -13.90 15.34
N ILE A 213 -4.97 -14.75 15.10
CA ILE A 213 -4.23 -15.37 16.19
C ILE A 213 -2.75 -15.18 15.92
N THR A 214 -1.98 -15.15 16.99
CA THR A 214 -0.53 -15.04 16.87
C THR A 214 0.17 -16.28 17.39
N ASP A 215 -0.59 -17.31 17.77
CA ASP A 215 -0.01 -18.50 18.36
C ASP A 215 -0.96 -19.66 18.15
N PHE A 216 -0.51 -20.68 17.42
CA PHE A 216 -1.38 -21.79 17.04
C PHE A 216 -2.05 -22.46 18.24
N VAL A 217 -1.42 -22.40 19.41
CA VAL A 217 -2.05 -22.92 20.62
C VAL A 217 -3.43 -22.31 20.84
N GLU A 218 -3.62 -21.05 20.43
CA GLU A 218 -4.89 -20.37 20.67
C GLU A 218 -6.07 -21.12 20.07
N LEU A 219 -5.83 -21.89 19.02
CA LEU A 219 -6.91 -22.71 18.47
C LEU A 219 -7.05 -24.04 19.19
N LEU A 220 -6.01 -24.47 19.90
CA LEU A 220 -6.03 -25.69 20.71
C LEU A 220 -6.86 -25.39 21.95
N GLY A 221 -8.19 -25.39 21.76
CA GLY A 221 -9.11 -25.00 22.80
C GLY A 221 -9.62 -26.14 23.64
N GLU A 222 -8.72 -26.99 24.13
CA GLU A 222 -9.07 -28.11 25.01
C GLU A 222 -7.80 -28.59 25.71
N LEU A 223 -7.83 -29.83 26.20
CA LEU A 223 -6.68 -30.47 26.84
C LEU A 223 -6.71 -31.94 26.44
N GLU A 224 -5.92 -32.31 25.44
CA GLU A 224 -5.95 -33.65 24.88
C GLU A 224 -4.53 -34.20 24.72
N MET B 1 11.04 1.72 -5.86
CA MET B 1 10.11 2.01 -6.94
C MET B 1 10.51 1.20 -8.16
N ILE B 2 10.14 -0.08 -8.14
CA ILE B 2 10.76 -1.07 -9.02
C ILE B 2 10.55 -0.72 -10.50
N SER B 3 9.35 -0.30 -10.89
CA SER B 3 9.09 -0.15 -12.31
C SER B 3 7.92 0.79 -12.57
N HIS B 4 7.95 1.43 -13.74
CA HIS B 4 6.82 2.22 -14.21
C HIS B 4 5.57 1.36 -14.38
N SER B 5 5.73 0.06 -14.57
CA SER B 5 4.56 -0.82 -14.60
C SER B 5 3.88 -0.85 -13.25
N GLU B 6 4.66 -0.91 -12.17
CA GLU B 6 4.09 -0.94 -10.83
C GLU B 6 3.48 0.41 -10.46
N LEU B 7 4.11 1.50 -10.91
CA LEU B 7 3.61 2.83 -10.64
C LEU B 7 2.20 3.01 -11.21
N ARG B 8 2.02 2.69 -12.49
CA ARG B 8 0.73 2.94 -13.12
C ARG B 8 -0.37 2.08 -12.52
N LYS B 9 -0.07 0.82 -12.20
CA LYS B 9 -1.06 -0.03 -11.53
C LYS B 9 -1.53 0.63 -10.24
N LEU B 10 -0.58 1.09 -9.43
CA LEU B 10 -0.91 1.79 -8.19
C LEU B 10 -1.81 3.00 -8.45
N PHE B 11 -1.63 3.67 -9.59
CA PHE B 11 -2.36 4.89 -9.83
C PHE B 11 -3.84 4.64 -10.13
N TYR B 12 -4.14 3.75 -11.08
CA TYR B 12 -5.53 3.53 -11.47
C TYR B 12 -6.23 2.49 -10.62
N SER B 13 -5.60 2.02 -9.56
CA SER B 13 -6.36 1.32 -8.54
C SER B 13 -6.99 2.28 -7.53
N ALA B 14 -6.52 3.52 -7.51
CA ALA B 14 -6.92 4.51 -6.51
C ALA B 14 -8.34 4.97 -6.70
N ASP B 15 -9.04 5.24 -5.59
CA ASP B 15 -10.34 5.89 -5.67
C ASP B 15 -10.28 7.37 -5.34
N ALA B 16 -9.17 7.86 -4.81
CA ALA B 16 -9.00 9.29 -4.64
C ALA B 16 -7.54 9.63 -4.77
N VAL B 17 -7.27 10.77 -5.42
CA VAL B 17 -5.93 11.35 -5.49
C VAL B 17 -6.03 12.77 -4.99
N CYS B 18 -5.21 13.11 -4.00
CA CYS B 18 -5.14 14.45 -3.44
C CYS B 18 -3.83 15.08 -3.87
N PHE B 19 -3.90 16.27 -4.47
CA PHE B 19 -2.69 16.97 -4.91
C PHE B 19 -2.42 18.14 -3.98
N ASP B 20 -1.17 18.25 -3.58
CA ASP B 20 -0.66 19.48 -3.02
C ASP B 20 -0.68 20.54 -4.12
N VAL B 21 -0.89 21.79 -3.73
CA VAL B 21 -1.02 22.81 -4.76
C VAL B 21 0.31 23.52 -5.02
N ASP B 22 0.79 24.28 -4.04
CA ASP B 22 2.04 25.04 -4.20
C ASP B 22 3.20 24.15 -4.59
N SER B 23 3.84 24.47 -5.72
CA SER B 23 5.01 23.76 -6.25
C SER B 23 4.67 22.38 -6.79
N THR B 24 3.40 21.96 -6.75
CA THR B 24 3.03 20.69 -7.35
C THR B 24 2.04 20.91 -8.47
N VAL B 25 0.78 21.26 -8.19
CA VAL B 25 -0.15 21.54 -9.28
C VAL B 25 0.22 22.82 -10.02
N ILE B 26 0.76 23.81 -9.30
CA ILE B 26 1.26 25.06 -9.89
C ILE B 26 2.75 25.17 -9.61
N ARG B 27 3.44 25.90 -10.48
CA ARG B 27 4.87 26.09 -10.34
C ARG B 27 5.21 26.93 -9.11
N GLU B 28 4.38 27.92 -8.79
CA GLU B 28 4.66 28.89 -7.75
C GLU B 28 4.11 28.44 -6.40
N GLU B 29 4.37 29.22 -5.36
CA GLU B 29 3.65 29.11 -4.09
C GLU B 29 2.78 30.35 -3.92
N GLY B 30 1.49 30.11 -3.66
CA GLY B 30 0.54 31.22 -3.65
C GLY B 30 0.96 32.34 -2.72
N ILE B 31 1.50 31.98 -1.55
CA ILE B 31 1.83 33.00 -0.57
C ILE B 31 3.04 33.82 -1.03
N ASP B 32 3.96 33.24 -1.80
CA ASP B 32 5.05 34.04 -2.34
C ASP B 32 4.55 34.95 -3.45
N GLU B 33 3.65 34.44 -4.31
CA GLU B 33 3.12 35.27 -5.37
C GLU B 33 2.30 36.42 -4.80
N LEU B 34 1.73 36.21 -3.61
CA LEU B 34 1.01 37.26 -2.91
C LEU B 34 1.98 38.26 -2.28
N ALA B 35 3.05 37.78 -1.66
CA ALA B 35 4.09 38.70 -1.18
C ALA B 35 4.61 39.57 -2.31
N LYS B 36 4.85 38.98 -3.49
CA LYS B 36 5.29 39.74 -4.64
C LYS B 36 4.28 40.83 -5.00
N ILE B 37 3.02 40.44 -5.23
CA ILE B 37 2.05 41.42 -5.72
C ILE B 37 1.79 42.49 -4.67
N CYS B 38 1.95 42.16 -3.40
CA CYS B 38 1.86 43.15 -2.35
C CYS B 38 3.17 43.89 -2.12
N GLY B 39 4.19 43.61 -2.93
CA GLY B 39 5.47 44.29 -2.87
C GLY B 39 6.22 44.09 -1.57
N VAL B 40 6.42 42.84 -1.15
CA VAL B 40 7.07 42.58 0.12
C VAL B 40 7.89 41.29 0.06
N GLU B 41 8.03 40.71 -1.14
CA GLU B 41 8.59 39.37 -1.28
C GLU B 41 9.88 39.17 -0.50
N ASP B 42 10.95 39.88 -0.91
CA ASP B 42 12.23 39.77 -0.21
C ASP B 42 12.04 39.87 1.31
N ALA B 43 11.27 40.89 1.73
CA ALA B 43 11.00 41.05 3.15
C ALA B 43 10.44 39.78 3.79
N VAL B 44 9.87 38.86 3.00
CA VAL B 44 9.34 37.62 3.53
C VAL B 44 10.47 36.58 3.59
N SER B 45 11.66 37.00 3.99
CA SER B 45 12.81 36.11 4.08
C SER B 45 12.82 35.37 5.42
N GLU B 46 11.81 34.54 5.61
CA GLU B 46 11.72 33.63 6.75
C GLU B 46 12.99 32.80 6.86
N MET B 47 13.82 33.11 7.86
CA MET B 47 15.08 32.40 8.02
C MET B 47 15.00 31.38 9.16
N THR B 48 14.85 31.86 10.40
CA THR B 48 14.70 31.01 11.57
C THR B 48 16.01 30.33 11.98
N ARG B 49 15.92 29.36 12.89
CA ARG B 49 17.08 28.67 13.46
C ARG B 49 18.09 29.65 14.03
N ARG B 50 17.79 30.23 15.21
CA ARG B 50 18.70 31.23 15.78
C ARG B 50 19.96 30.59 16.34
N ALA B 51 19.80 29.46 17.05
CA ALA B 51 20.94 28.75 17.63
C ALA B 51 20.63 27.27 17.83
N MET B 52 20.19 26.90 19.02
CA MET B 52 19.69 25.54 19.29
C MET B 52 18.18 25.45 19.09
N GLY B 53 17.70 25.86 17.90
CA GLY B 53 16.28 25.85 17.62
C GLY B 53 15.89 24.96 16.46
N GLY B 54 15.46 25.58 15.35
CA GLY B 54 15.08 24.83 14.16
C GLY B 54 14.01 25.51 13.33
N ALA B 55 12.77 25.06 13.47
CA ALA B 55 11.64 25.60 12.73
C ALA B 55 10.48 25.89 13.67
N VAL B 56 9.67 26.89 13.30
CA VAL B 56 8.50 27.29 14.08
C VAL B 56 7.28 26.54 13.51
N PRO B 57 6.25 26.30 14.30
CA PRO B 57 5.11 25.51 13.81
C PRO B 57 4.32 26.25 12.73
N PHE B 58 3.36 25.54 12.15
CA PHE B 58 2.71 26.02 10.94
C PHE B 58 1.87 27.26 11.19
N LYS B 59 0.92 27.17 12.14
CA LYS B 59 -0.02 28.26 12.37
C LYS B 59 0.72 29.55 12.70
N ALA B 60 1.75 29.46 13.54
CA ALA B 60 2.52 30.66 13.89
C ALA B 60 3.27 31.20 12.69
N ALA B 61 3.86 30.31 11.88
CA ALA B 61 4.61 30.76 10.72
C ALA B 61 3.70 31.44 9.71
N LEU B 62 2.50 30.88 9.49
CA LEU B 62 1.55 31.48 8.56
C LEU B 62 1.11 32.86 9.03
N THR B 63 0.74 32.97 10.31
CA THR B 63 0.37 34.25 10.89
C THR B 63 1.43 35.31 10.61
N GLU B 64 2.70 34.97 10.85
CA GLU B 64 3.77 35.95 10.71
C GLU B 64 3.89 36.44 9.26
N ARG B 65 3.93 35.51 8.30
CA ARG B 65 4.09 35.93 6.92
C ARG B 65 2.90 36.76 6.45
N LEU B 66 1.69 36.29 6.73
CA LEU B 66 0.51 37.08 6.40
C LEU B 66 0.53 38.43 7.11
N ALA B 67 0.91 38.41 8.39
CA ALA B 67 1.03 39.66 9.14
C ALA B 67 1.89 40.65 8.37
N LEU B 68 2.96 40.16 7.76
CA LEU B 68 3.84 41.00 6.98
C LEU B 68 3.25 41.32 5.60
N ILE B 69 2.54 40.38 4.98
CA ILE B 69 2.00 40.62 3.64
C ILE B 69 0.73 41.46 3.72
N GLN B 70 -0.10 41.20 4.74
CA GLN B 70 -1.40 41.84 4.92
C GLN B 70 -2.11 42.03 3.58
N PRO B 71 -2.40 40.94 2.86
CA PRO B 71 -2.95 41.09 1.51
C PRO B 71 -4.37 41.65 1.58
N SER B 72 -4.65 42.60 0.70
CA SER B 72 -6.00 43.11 0.67
C SER B 72 -6.83 42.25 -0.27
N ARG B 73 -8.14 42.31 -0.10
CA ARG B 73 -9.02 41.56 -0.99
C ARG B 73 -8.76 41.94 -2.44
N GLU B 74 -8.69 43.25 -2.72
CA GLU B 74 -8.39 43.70 -4.07
C GLU B 74 -7.03 43.16 -4.55
N GLN B 75 -6.06 43.07 -3.64
CA GLN B 75 -4.76 42.53 -4.01
C GLN B 75 -4.84 41.05 -4.36
N VAL B 76 -5.65 40.29 -3.62
CA VAL B 76 -5.84 38.89 -3.96
C VAL B 76 -6.49 38.76 -5.33
N GLN B 77 -7.57 39.49 -5.58
CA GLN B 77 -8.24 39.30 -6.85
C GLN B 77 -7.38 39.81 -7.99
N ARG B 78 -6.54 40.82 -7.74
CA ARG B 78 -5.61 41.28 -8.76
C ARG B 78 -4.61 40.17 -9.11
N LEU B 79 -4.04 39.52 -8.08
CA LEU B 79 -3.17 38.37 -8.31
C LEU B 79 -3.83 37.33 -9.21
N ILE B 80 -5.11 37.05 -8.97
CA ILE B 80 -5.81 36.03 -9.73
C ILE B 80 -6.03 36.46 -11.17
N ALA B 81 -6.31 37.75 -11.39
CA ALA B 81 -6.64 38.17 -12.75
C ALA B 81 -5.40 38.51 -13.58
N GLU B 82 -4.39 39.11 -12.97
CA GLU B 82 -3.24 39.63 -13.69
C GLU B 82 -1.97 38.79 -13.56
N GLN B 83 -1.87 37.97 -12.53
CA GLN B 83 -0.66 37.20 -12.33
C GLN B 83 -1.05 35.81 -11.84
N PRO B 84 -1.97 35.14 -12.52
CA PRO B 84 -2.40 33.81 -12.08
C PRO B 84 -1.24 32.82 -12.10
N PRO B 85 -1.16 31.94 -11.10
CA PRO B 85 -0.06 30.96 -11.06
C PRO B 85 -0.11 30.06 -12.28
N HIS B 86 1.05 29.51 -12.63
CA HIS B 86 1.16 28.68 -13.83
C HIS B 86 1.00 27.21 -13.47
N LEU B 87 0.12 26.51 -14.20
CA LEU B 87 -0.05 25.09 -14.02
C LEU B 87 1.24 24.35 -14.38
N THR B 88 1.61 23.39 -13.55
CA THR B 88 2.74 22.54 -13.86
C THR B 88 2.45 21.76 -15.14
N PRO B 89 3.40 21.66 -16.07
CA PRO B 89 3.14 20.92 -17.30
C PRO B 89 2.59 19.55 -16.99
N GLY B 90 1.55 19.16 -17.73
CA GLY B 90 0.99 17.84 -17.61
C GLY B 90 -0.13 17.68 -16.59
N ILE B 91 -0.31 18.65 -15.67
CA ILE B 91 -1.25 18.39 -14.58
C ILE B 91 -2.69 18.42 -15.09
N ARG B 92 -2.99 19.31 -16.04
CA ARG B 92 -4.32 19.32 -16.63
C ARG B 92 -4.71 17.93 -17.10
N GLU B 93 -3.87 17.33 -17.94
CA GLU B 93 -4.19 16.03 -18.52
C GLU B 93 -4.21 14.91 -17.47
N LEU B 94 -3.27 14.94 -16.52
CA LEU B 94 -3.28 13.92 -15.47
C LEU B 94 -4.58 13.96 -14.68
N VAL B 95 -5.01 15.17 -14.28
CA VAL B 95 -6.25 15.30 -13.53
C VAL B 95 -7.43 14.81 -14.35
N SER B 96 -7.46 15.19 -15.64
CA SER B 96 -8.58 14.80 -16.48
C SER B 96 -8.62 13.28 -16.69
N ARG B 97 -7.46 12.64 -16.81
CA ARG B 97 -7.45 11.19 -16.95
C ARG B 97 -7.96 10.52 -15.66
N LEU B 98 -7.51 10.98 -14.51
CA LEU B 98 -8.03 10.45 -13.26
C LEU B 98 -9.54 10.56 -13.21
N GLN B 99 -10.08 11.75 -13.50
CA GLN B 99 -11.52 11.95 -13.39
C GLN B 99 -12.28 11.07 -14.38
N GLU B 100 -11.70 10.85 -15.57
CA GLU B 100 -12.34 10.01 -16.58
C GLU B 100 -12.40 8.56 -16.14
N ARG B 101 -11.46 8.12 -15.32
CA ARG B 101 -11.52 6.83 -14.67
C ARG B 101 -12.28 6.90 -13.35
N ASN B 102 -12.96 8.01 -13.08
CA ASN B 102 -13.86 8.11 -11.91
C ASN B 102 -13.10 8.07 -10.58
N VAL B 103 -11.85 8.54 -10.58
CA VAL B 103 -11.12 8.78 -9.34
C VAL B 103 -11.47 10.17 -8.84
N GLN B 104 -11.82 10.27 -7.56
CA GLN B 104 -12.07 11.58 -6.97
C GLN B 104 -10.75 12.33 -6.83
N VAL B 105 -10.67 13.54 -7.36
CA VAL B 105 -9.44 14.34 -7.32
C VAL B 105 -9.66 15.52 -6.38
N PHE B 106 -8.75 15.68 -5.42
CA PHE B 106 -8.82 16.76 -4.45
C PHE B 106 -7.58 17.65 -4.52
N LEU B 107 -7.75 18.91 -4.14
CA LEU B 107 -6.63 19.82 -3.92
C LEU B 107 -6.53 20.10 -2.43
N ILE B 108 -5.34 19.97 -1.88
CA ILE B 108 -5.09 20.21 -0.47
C ILE B 108 -3.91 21.16 -0.38
N SER B 109 -4.10 22.29 0.28
CA SER B 109 -3.05 23.30 0.27
C SER B 109 -3.00 24.05 1.59
N GLY B 110 -1.79 24.40 2.01
CA GLY B 110 -1.63 25.38 3.04
C GLY B 110 -1.82 26.80 2.54
N GLY B 111 -2.06 26.94 1.25
CA GLY B 111 -2.37 28.22 0.64
C GLY B 111 -3.84 28.57 0.83
N PHE B 112 -4.32 29.46 -0.03
CA PHE B 112 -5.55 30.18 0.26
C PHE B 112 -6.65 29.85 -0.75
N ARG B 113 -7.86 29.67 -0.22
CA ARG B 113 -8.95 29.12 -1.02
C ARG B 113 -9.27 30.00 -2.23
N SER B 114 -9.04 31.31 -2.13
CA SER B 114 -9.27 32.17 -3.28
C SER B 114 -8.42 31.73 -4.46
N ILE B 115 -7.12 31.53 -4.22
CA ILE B 115 -6.19 31.15 -5.26
C ILE B 115 -6.43 29.70 -5.68
N VAL B 116 -6.56 28.81 -4.70
CA VAL B 116 -6.69 27.40 -5.01
C VAL B 116 -7.98 27.12 -5.79
N GLU B 117 -9.06 27.81 -5.45
CA GLU B 117 -10.31 27.57 -6.18
C GLU B 117 -10.21 28.07 -7.61
N HIS B 118 -9.44 29.15 -7.83
CA HIS B 118 -9.10 29.55 -9.19
C HIS B 118 -8.38 28.41 -9.92
N VAL B 119 -7.37 27.82 -9.28
CA VAL B 119 -6.65 26.73 -9.93
C VAL B 119 -7.60 25.55 -10.16
N ALA B 120 -8.43 25.24 -9.17
CA ALA B 120 -9.35 24.11 -9.32
C ALA B 120 -10.26 24.29 -10.53
N SER B 121 -10.74 25.51 -10.78
CA SER B 121 -11.63 25.69 -11.93
C SER B 121 -10.91 25.41 -13.24
N LYS B 122 -9.60 25.70 -13.32
CA LYS B 122 -8.85 25.35 -14.52
C LYS B 122 -8.65 23.86 -14.68
N LEU B 123 -8.85 23.07 -13.63
CA LEU B 123 -8.64 21.63 -13.65
C LEU B 123 -9.96 20.86 -13.60
N ASN B 124 -11.09 21.55 -13.63
CA ASN B 124 -12.39 20.89 -13.52
C ASN B 124 -12.56 20.21 -12.17
N ILE B 125 -11.85 20.67 -11.14
CA ILE B 125 -12.00 20.12 -9.79
C ILE B 125 -13.05 20.96 -9.08
N PRO B 126 -14.14 20.36 -8.57
CA PRO B 126 -15.17 21.15 -7.89
C PRO B 126 -14.62 21.81 -6.64
N ALA B 127 -15.14 23.00 -6.34
CA ALA B 127 -14.74 23.70 -5.13
C ALA B 127 -14.99 22.84 -3.90
N THR B 128 -15.91 21.89 -3.97
CA THR B 128 -16.13 20.98 -2.85
C THR B 128 -14.93 20.08 -2.61
N ASN B 129 -14.06 19.92 -3.59
CA ASN B 129 -12.87 19.08 -3.47
C ASN B 129 -11.60 19.88 -3.19
N VAL B 130 -11.75 21.14 -2.79
CA VAL B 130 -10.63 22.00 -2.46
C VAL B 130 -10.58 22.13 -0.94
N PHE B 131 -9.43 21.85 -0.34
CA PHE B 131 -9.21 22.10 1.08
C PHE B 131 -7.99 23.00 1.23
N ALA B 132 -8.18 24.13 1.90
CA ALA B 132 -7.21 25.21 1.89
C ALA B 132 -7.51 26.14 3.04
N ASN B 133 -6.56 27.02 3.32
CA ASN B 133 -6.81 28.08 4.28
C ASN B 133 -7.65 29.17 3.61
N ARG B 134 -8.34 29.95 4.44
CA ARG B 134 -9.24 31.00 3.98
C ARG B 134 -8.83 32.33 4.59
N LEU B 135 -8.45 33.27 3.74
CA LEU B 135 -8.15 34.61 4.20
C LEU B 135 -9.44 35.34 4.57
N LYS B 136 -9.36 36.16 5.61
CA LYS B 136 -10.46 37.01 6.02
C LYS B 136 -10.15 38.45 5.63
N PHE B 137 -11.21 39.23 5.43
CA PHE B 137 -11.09 40.62 5.02
C PHE B 137 -12.17 41.44 5.70
N TYR B 138 -11.83 42.70 5.98
CA TYR B 138 -12.78 43.64 6.55
C TYR B 138 -13.68 44.18 5.46
N PHE B 139 -14.74 44.87 5.88
CA PHE B 139 -15.72 45.34 4.91
C PHE B 139 -15.05 46.09 3.76
N ASN B 140 -14.02 46.88 4.07
CA ASN B 140 -13.33 47.65 3.04
C ASN B 140 -12.25 46.84 2.34
N GLY B 141 -12.15 45.55 2.64
CA GLY B 141 -11.24 44.69 1.94
C GLY B 141 -9.88 44.54 2.55
N GLU B 142 -9.61 45.18 3.69
CA GLU B 142 -8.31 45.05 4.33
C GLU B 142 -8.14 43.67 4.97
N TYR B 143 -6.88 43.27 5.09
CA TYR B 143 -6.56 41.96 5.64
C TYR B 143 -7.09 41.85 7.08
N ALA B 144 -7.87 40.80 7.34
CA ALA B 144 -8.48 40.64 8.64
C ALA B 144 -8.11 39.33 9.33
N GLY B 145 -7.15 38.59 8.79
CA GLY B 145 -6.76 37.31 9.34
C GLY B 145 -7.09 36.15 8.40
N PHE B 146 -7.04 34.95 8.98
CA PHE B 146 -7.40 33.74 8.26
C PHE B 146 -8.17 32.83 9.20
N ASP B 147 -8.85 31.84 8.63
CA ASP B 147 -9.72 30.95 9.37
C ASP B 147 -8.89 29.91 10.11
N GLU B 148 -8.69 30.12 11.40
CA GLU B 148 -7.80 29.25 12.16
C GLU B 148 -8.43 27.90 12.52
N THR B 149 -9.70 27.68 12.22
CA THR B 149 -10.31 26.36 12.44
C THR B 149 -10.04 25.37 11.31
N GLN B 150 -9.40 25.79 10.23
CA GLN B 150 -9.13 24.92 9.09
C GLN B 150 -7.99 23.95 9.42
N PRO B 151 -8.16 22.65 9.19
CA PRO B 151 -7.03 21.73 9.40
C PRO B 151 -5.76 22.17 8.69
N THR B 152 -5.89 22.79 7.51
CA THR B 152 -4.72 23.27 6.80
C THR B 152 -4.04 24.43 7.51
N ALA B 153 -4.68 25.00 8.53
CA ALA B 153 -4.08 26.08 9.30
C ALA B 153 -3.13 25.57 10.38
N GLU B 154 -3.08 24.27 10.60
CA GLU B 154 -2.31 23.62 11.66
C GLU B 154 -1.20 22.77 11.05
N SER B 155 -0.31 22.29 11.91
CA SER B 155 0.72 21.35 11.48
C SER B 155 0.10 19.98 11.23
N GLY B 156 0.62 19.29 10.22
CA GLY B 156 0.04 18.00 9.88
C GLY B 156 -1.34 18.07 9.28
N GLY B 157 -1.80 19.27 8.88
CA GLY B 157 -3.18 19.43 8.46
C GLY B 157 -3.55 18.66 7.21
N LYS B 158 -2.60 18.44 6.31
CA LYS B 158 -2.88 17.61 5.15
C LYS B 158 -3.27 16.22 5.58
N GLY B 159 -2.49 15.61 6.47
CA GLY B 159 -2.90 14.34 7.05
C GLY B 159 -4.27 14.42 7.67
N LYS B 160 -4.57 15.53 8.34
CA LYS B 160 -5.89 15.70 8.90
C LYS B 160 -6.96 15.69 7.81
N VAL B 161 -6.76 16.49 6.75
CA VAL B 161 -7.76 16.52 5.68
C VAL B 161 -8.00 15.12 5.16
N ILE B 162 -6.93 14.36 4.98
CA ILE B 162 -7.08 13.03 4.40
C ILE B 162 -7.79 12.10 5.37
N LYS B 163 -7.55 12.27 6.67
CA LYS B 163 -8.29 11.52 7.67
C LYS B 163 -9.77 11.82 7.58
N LEU B 164 -10.13 13.10 7.46
CA LEU B 164 -11.54 13.45 7.35
C LEU B 164 -12.15 12.93 6.06
N LEU B 165 -11.38 12.94 4.96
CA LEU B 165 -11.87 12.39 3.71
C LEU B 165 -12.13 10.90 3.82
N LYS B 166 -11.23 10.16 4.45
CA LYS B 166 -11.48 8.74 4.64
C LYS B 166 -12.69 8.52 5.54
N GLU B 167 -12.79 9.29 6.62
CA GLU B 167 -13.94 9.19 7.51
C GLU B 167 -15.24 9.32 6.74
N LYS B 168 -15.32 10.32 5.85
CA LYS B 168 -16.58 10.66 5.22
C LYS B 168 -16.86 9.84 3.97
N PHE B 169 -15.85 9.60 3.14
CA PHE B 169 -16.04 8.99 1.83
C PHE B 169 -15.69 7.52 1.80
N HIS B 170 -15.01 7.01 2.82
CA HIS B 170 -14.62 5.60 2.92
C HIS B 170 -13.69 5.19 1.81
N PHE B 171 -12.86 6.14 1.36
CA PHE B 171 -11.89 5.82 0.31
C PHE B 171 -11.00 4.68 0.76
N LYS B 172 -10.72 3.78 -0.17
CA LYS B 172 -9.94 2.59 0.13
C LYS B 172 -8.51 2.70 -0.34
N LYS B 173 -8.23 3.60 -1.29
CA LYS B 173 -6.86 3.76 -1.80
C LYS B 173 -6.71 5.22 -2.20
N ILE B 174 -6.30 6.02 -1.23
CA ILE B 174 -6.15 7.45 -1.42
C ILE B 174 -4.66 7.75 -1.56
N ILE B 175 -4.30 8.33 -2.69
CA ILE B 175 -2.93 8.71 -3.01
C ILE B 175 -2.77 10.20 -2.73
N MET B 176 -1.67 10.56 -2.07
CA MET B 176 -1.27 11.94 -1.85
C MET B 176 -0.05 12.23 -2.72
N ILE B 177 -0.08 13.34 -3.45
CA ILE B 177 0.96 13.72 -4.39
C ILE B 177 1.40 15.12 -4.06
N GLY B 178 2.68 15.29 -3.71
CA GLY B 178 3.16 16.64 -3.46
C GLY B 178 4.68 16.68 -3.38
N ASP B 179 5.19 17.90 -3.23
CA ASP B 179 6.64 18.11 -3.20
C ASP B 179 7.24 18.05 -1.80
N GLY B 180 6.42 18.15 -0.75
CA GLY B 180 6.89 18.61 0.54
C GLY B 180 6.77 17.57 1.64
N ALA B 181 7.43 17.88 2.75
CA ALA B 181 7.36 17.05 3.95
C ALA B 181 5.94 16.97 4.48
N THR B 182 5.19 18.06 4.37
CA THR B 182 3.82 18.04 4.87
C THR B 182 2.95 17.10 4.06
N ASP B 183 3.30 16.87 2.80
CA ASP B 183 2.57 15.91 1.97
C ASP B 183 2.95 14.47 2.33
N MET B 184 4.26 14.20 2.41
CA MET B 184 4.73 12.88 2.82
C MET B 184 4.10 12.48 4.15
N GLU B 185 4.14 13.38 5.13
CA GLU B 185 3.59 13.01 6.42
C GLU B 185 2.08 12.80 6.39
N ALA B 186 1.40 13.09 5.27
CA ALA B 186 -0.01 12.74 5.13
C ALA B 186 -0.23 11.26 4.81
N CYS B 187 0.85 10.52 4.56
CA CYS B 187 0.79 9.09 4.26
C CYS B 187 1.55 8.33 5.33
N PRO B 188 0.86 7.68 6.27
CA PRO B 188 -0.60 7.65 6.35
C PRO B 188 -1.11 8.93 6.96
N PRO B 189 -2.42 9.12 7.04
CA PRO B 189 -3.52 8.21 6.69
C PRO B 189 -3.66 7.85 5.20
N ALA B 190 -2.99 8.56 4.29
CA ALA B 190 -3.11 8.22 2.89
C ALA B 190 -2.48 6.86 2.64
N ASP B 191 -2.93 6.20 1.58
CA ASP B 191 -2.48 4.84 1.32
C ASP B 191 -1.23 4.81 0.47
N ALA B 192 -0.96 5.89 -0.25
CA ALA B 192 0.24 5.98 -1.04
C ALA B 192 0.68 7.42 -1.07
N PHE B 193 1.98 7.61 -1.19
CA PHE B 193 2.54 8.93 -1.39
C PHE B 193 3.41 8.91 -2.64
N ILE B 194 3.26 9.93 -3.48
CA ILE B 194 4.16 10.12 -4.61
C ILE B 194 4.77 11.50 -4.48
N GLY B 195 6.08 11.54 -4.32
CA GLY B 195 6.76 12.82 -4.28
C GLY B 195 6.85 13.42 -5.66
N PHE B 196 6.73 14.75 -5.73
CA PHE B 196 6.83 15.44 -7.01
C PHE B 196 7.88 16.53 -6.93
N GLY B 197 8.93 16.41 -7.73
CA GLY B 197 10.02 17.37 -7.71
C GLY B 197 10.21 18.09 -9.03
N GLY B 198 9.12 18.31 -9.77
CA GLY B 198 9.22 19.12 -10.97
C GLY B 198 9.59 20.58 -10.72
N ASN B 199 9.15 21.13 -9.60
CA ASN B 199 9.39 22.53 -9.31
C ASN B 199 10.34 22.75 -8.15
N VAL B 200 10.19 21.95 -7.10
CA VAL B 200 11.00 22.03 -5.89
C VAL B 200 11.38 20.62 -5.51
N ILE B 201 12.69 20.38 -5.37
CA ILE B 201 13.21 19.08 -4.93
C ILE B 201 13.64 19.23 -3.47
N ARG B 202 13.00 18.49 -2.58
CA ARG B 202 13.38 18.50 -1.17
C ARG B 202 14.11 17.19 -0.89
N GLN B 203 15.40 17.31 -0.60
CA GLN B 203 16.25 16.16 -0.30
C GLN B 203 15.54 15.17 0.63
N GLN B 204 14.87 15.67 1.67
CA GLN B 204 14.22 14.78 2.64
C GLN B 204 13.18 13.91 1.98
N VAL B 205 12.43 14.46 1.02
CA VAL B 205 11.39 13.70 0.37
C VAL B 205 11.99 12.73 -0.63
N LYS B 206 12.86 13.23 -1.51
CA LYS B 206 13.47 12.39 -2.53
C LYS B 206 14.25 11.25 -1.90
N ASP B 207 14.93 11.53 -0.79
CA ASP B 207 15.76 10.51 -0.14
C ASP B 207 14.97 9.46 0.60
N ASN B 208 13.67 9.66 0.78
CA ASN B 208 12.95 8.74 1.65
C ASN B 208 11.64 8.24 1.10
N ALA B 209 11.07 8.88 0.08
CA ALA B 209 9.85 8.40 -0.54
C ALA B 209 10.16 7.31 -1.55
N LYS B 210 9.48 6.17 -1.45
CA LYS B 210 9.63 5.13 -2.47
C LYS B 210 9.32 5.66 -3.86
N TRP B 211 8.21 6.40 -3.98
CA TRP B 211 7.74 6.92 -5.26
C TRP B 211 8.07 8.40 -5.36
N TYR B 212 8.90 8.76 -6.32
CA TYR B 212 9.33 10.16 -6.44
C TYR B 212 9.50 10.46 -7.92
N ILE B 213 8.67 11.33 -8.44
CA ILE B 213 8.72 11.69 -9.85
C ILE B 213 9.00 13.18 -9.98
N THR B 214 9.44 13.56 -11.18
CA THR B 214 9.68 14.97 -11.47
C THR B 214 8.94 15.48 -12.70
N ASP B 215 8.14 14.65 -13.36
CA ASP B 215 7.48 15.07 -14.60
C ASP B 215 6.11 14.41 -14.64
N PHE B 216 5.06 15.22 -14.56
CA PHE B 216 3.71 14.70 -14.73
C PHE B 216 3.50 14.18 -16.14
N VAL B 217 4.04 14.90 -17.14
CA VAL B 217 3.85 14.51 -18.54
C VAL B 217 4.38 13.10 -18.76
N GLU B 218 5.51 12.76 -18.13
CA GLU B 218 6.01 11.38 -18.18
C GLU B 218 5.07 10.42 -17.45
N LEU B 219 4.72 10.75 -16.20
CA LEU B 219 3.75 9.95 -15.48
C LEU B 219 2.51 9.68 -16.33
N LEU B 220 2.12 10.65 -17.14
CA LEU B 220 0.98 10.51 -18.04
C LEU B 220 1.13 9.32 -18.95
N GLY B 221 2.14 9.39 -19.82
CA GLY B 221 2.45 8.38 -20.80
C GLY B 221 2.12 6.96 -20.40
N GLU B 222 1.37 6.27 -21.24
CA GLU B 222 0.96 4.89 -21.05
C GLU B 222 1.47 4.04 -22.22
N LEU B 223 1.16 2.75 -22.18
CA LEU B 223 1.61 1.83 -23.23
C LEU B 223 0.51 0.82 -23.56
N SEP C . 3.22 -14.16 -2.05
CA SEP C . 1.87 -14.11 -1.51
CB SEP C . 1.21 -15.49 -1.58
OG SEP C . 1.89 -16.42 -0.75
C SEP C . 1.83 -13.60 -0.07
O SEP C . 0.74 -13.41 0.46
OXT SEP C . 2.84 -13.37 0.60
P SEP C . 1.34 -17.90 -1.06
O1P SEP C . 0.08 -18.20 -0.08
O2P SEP C . 0.82 -17.90 -2.58
O3P SEP C . 2.52 -18.98 -0.89
CA CA D . 2.09 -16.71 3.53
N SEP E . -12.54 17.90 4.90
CA SEP E . -13.35 18.95 5.49
CB SEP E . -14.31 18.37 6.55
OG SEP E . -14.90 17.16 6.08
C SEP E . -12.45 20.03 6.08
O SEP E . -11.24 19.97 5.92
OXT SEP E . -12.87 20.98 6.74
P SEP E . -16.34 16.84 6.73
O1P SEP E . -16.17 16.15 8.17
O2P SEP E . -17.19 18.22 6.85
O3P SEP E . -17.15 15.84 5.76
CA CA F . 3.93 22.33 -1.84
N SER G . 10.53 25.76 2.35
CA SER G . 10.12 26.85 1.47
C SER G . 9.35 26.28 0.28
O SER G . 8.22 25.80 0.42
CB SER G . 11.33 27.64 0.97
OG SER G . 12.07 28.17 2.05
OXT SER G . 9.82 26.31 -0.86
H2 SER G . 11.46 25.66 2.60
H SER G . 10.03 25.67 3.05
HA SER G . 9.55 27.46 1.96
HB2 SER G . 11.03 28.37 0.41
HB3 SER G . 11.90 27.05 0.45
HG SER G . 12.64 28.73 1.77
#